data_5R5R
#
_entry.id   5R5R
#
_cell.length_a   49.540
_cell.length_b   52.300
_cell.length_c   101.850
_cell.angle_alpha   90.000
_cell.angle_beta   90.000
_cell.angle_gamma   90.000
#
_symmetry.space_group_name_H-M   'P 21 21 21'
#
loop_
_entity.id
_entity.type
_entity.pdbx_description
1 polymer 'Uridine diphosphate glucose pyrophosphatase NUDT22'
2 non-polymer 2-cyano-~{N}-(pyridin-4-ylmethyl)ethanamide
3 non-polymer 'DIMETHYL SULFOXIDE'
4 water water
#
_entity_poly.entity_id   1
_entity_poly.type   'polypeptide(L)'
_entity_poly.pdbx_seq_one_letter_code
;SMDPEVTLLLQCPGGGLPQEQIQAELSPAHDRRPLPGGDEAITAIWETRLKAQPWLFDAPKFRLHSATLAPIGSRGPQLL
LRLGLTSYRDFLGTNWSSSAAWLRQQGATDWGDTQAYLADPLGVGAALATADDFLVFLRRSRQVAEAPGLVDVPGGHPEP
QALCPGGSPQHQDLAGQLVVHELFSSVLQEICDEVNLPLLTLSQPLLLGIARNETSAGRASAEFYVQCSLTSEQVRKHYL
SGGPEAHESTGIFFVETQNVRRLPETEMWAELCPSAKGAIILYNRVQGSPTGAALGSPALLPPL
;
_entity_poly.pdbx_strand_id   A
#
loop_
_chem_comp.id
_chem_comp.type
_chem_comp.name
_chem_comp.formula
DMS non-polymer 'DIMETHYL SULFOXIDE' 'C2 H6 O S'
S34 non-polymer 2-cyano-~{N}-(pyridin-4-ylmethyl)ethanamide 'C9 H9 N3 O'
#
# COMPACT_ATOMS: atom_id res chain seq x y z
N ASP A 3 5.50 -15.95 -6.42
N ASP A 3 4.94 -15.95 -5.97
CA ASP A 3 5.91 -14.53 -6.23
CA ASP A 3 5.85 -14.77 -6.15
C ASP A 3 6.47 -14.35 -4.81
C ASP A 3 6.45 -14.40 -4.80
N PRO A 4 7.76 -14.66 -4.57
CA PRO A 4 8.33 -14.53 -3.22
C PRO A 4 8.41 -13.09 -2.71
N GLU A 5 8.26 -12.06 -3.55
CA GLU A 5 8.50 -10.70 -3.00
C GLU A 5 7.22 -10.12 -2.38
N VAL A 6 6.07 -10.78 -2.50
CA VAL A 6 4.82 -10.27 -1.82
C VAL A 6 4.04 -11.42 -1.14
N THR A 7 3.60 -11.21 0.11
CA THR A 7 2.72 -12.15 0.87
C THR A 7 1.43 -11.40 1.29
N LEU A 8 0.28 -12.05 1.18
CA LEU A 8 -1.01 -11.44 1.59
C LEU A 8 -1.18 -11.63 3.10
N LEU A 9 -1.42 -10.56 3.84
CA LEU A 9 -1.72 -10.62 5.30
C LEU A 9 -3.25 -10.72 5.49
N LEU A 10 -4.02 -10.10 4.62
CA LEU A 10 -5.50 -9.99 4.76
C LEU A 10 -6.13 -9.88 3.37
N GLN A 11 -7.22 -10.63 3.13
CA GLN A 11 -8.14 -10.52 1.97
C GLN A 11 -9.52 -10.14 2.55
N CYS A 12 -10.06 -8.95 2.21
CA CYS A 12 -11.35 -8.48 2.80
C CYS A 12 -12.49 -9.24 2.16
N PRO A 13 -13.59 -9.43 2.94
CA PRO A 13 -14.82 -10.00 2.39
C PRO A 13 -15.73 -9.00 1.68
N GLY A 14 -16.78 -9.51 1.05
CA GLY A 14 -17.88 -8.67 0.54
C GLY A 14 -17.48 -7.81 -0.64
N GLY A 15 -16.36 -8.13 -1.31
CA GLY A 15 -15.81 -7.33 -2.42
C GLY A 15 -15.00 -6.13 -1.95
N GLY A 16 -14.75 -6.02 -0.63
CA GLY A 16 -13.93 -4.95 0.00
C GLY A 16 -14.70 -4.25 1.09
N LEU A 17 -14.02 -3.72 2.10
CA LEU A 17 -14.72 -3.03 3.23
C LEU A 17 -14.77 -1.51 3.08
N PRO A 18 -15.94 -0.86 3.31
CA PRO A 18 -16.03 0.60 3.43
C PRO A 18 -15.51 1.08 4.80
N GLN A 19 -15.23 2.39 4.91
CA GLN A 19 -14.66 3.07 6.11
C GLN A 19 -15.48 2.75 7.39
N GLU A 20 -16.81 2.67 7.27
CA GLU A 20 -17.77 2.57 8.41
C GLU A 20 -17.69 1.18 9.06
N GLN A 21 -17.00 0.22 8.45
CA GLN A 21 -16.94 -1.16 8.95
C GLN A 21 -15.58 -1.47 9.59
N ILE A 22 -14.72 -0.47 9.74
CA ILE A 22 -13.31 -0.69 10.22
C ILE A 22 -13.11 0.10 11.52
N GLN A 23 -12.51 -0.59 12.51
CA GLN A 23 -12.03 -0.07 13.82
C GLN A 23 -10.49 -0.02 13.78
N ALA A 24 -9.89 0.98 14.42
CA ALA A 24 -8.43 1.01 14.69
C ALA A 24 -8.24 1.11 16.20
N GLU A 25 -7.16 0.49 16.68
CA GLU A 25 -6.61 0.68 18.04
C GLU A 25 -5.18 1.22 17.86
N LEU A 26 -4.97 2.49 18.15
CA LEU A 26 -3.62 3.15 18.07
C LEU A 26 -3.04 3.20 19.49
N SER A 27 -2.04 2.37 19.76
CA SER A 27 -1.51 2.11 21.13
C SER A 27 0.02 2.02 21.09
N PRO A 28 0.74 2.56 22.09
CA PRO A 28 2.20 2.36 22.15
C PRO A 28 2.61 0.89 22.33
N ALA A 29 1.67 0.00 22.69
CA ALA A 29 1.88 -1.46 22.76
C ALA A 29 2.18 -2.03 21.36
N HIS A 30 1.82 -1.29 20.29
CA HIS A 30 1.92 -1.69 18.87
C HIS A 30 3.18 -1.09 18.23
N ASP A 31 4.04 -0.46 19.03
CA ASP A 31 5.26 0.21 18.49
C ASP A 31 6.35 -0.83 18.23
N ARG A 32 7.37 -0.43 17.47
CA ARG A 32 8.64 -1.19 17.35
C ARG A 32 9.28 -1.34 18.75
N ARG A 33 9.94 -2.46 18.99
CA ARG A 33 10.71 -2.67 20.27
C ARG A 33 12.09 -2.03 20.10
N PRO A 34 12.65 -1.42 21.16
CA PRO A 34 14.02 -0.89 21.11
C PRO A 34 15.02 -1.96 20.63
N LEU A 35 16.02 -1.61 19.82
CA LEU A 35 17.02 -2.60 19.30
C LEU A 35 17.80 -3.20 20.47
N PRO A 36 18.19 -4.48 20.40
CA PRO A 36 18.85 -5.13 21.54
C PRO A 36 20.09 -4.41 22.12
N GLY A 37 20.90 -3.82 21.23
CA GLY A 37 22.13 -3.10 21.58
C GLY A 37 21.89 -1.61 21.65
N GLY A 38 20.63 -1.16 21.56
CA GLY A 38 20.23 0.25 21.70
C GLY A 38 19.88 0.90 20.36
N ASP A 39 18.98 1.89 20.37
CA ASP A 39 18.57 2.67 19.16
C ASP A 39 19.66 3.67 18.73
N GLU A 40 20.80 3.74 19.42
CA GLU A 40 21.99 4.53 18.95
C GLU A 40 22.37 4.12 17.51
N ALA A 41 22.21 2.86 17.12
CA ALA A 41 22.54 2.39 15.77
C ALA A 41 21.71 3.14 14.71
N ILE A 42 20.42 3.38 14.96
CA ILE A 42 19.50 4.13 14.03
C ILE A 42 19.97 5.59 13.95
N THR A 43 20.18 6.23 15.10
CA THR A 43 20.72 7.59 15.26
C THR A 43 22.01 7.78 14.44
N ALA A 44 22.94 6.81 14.47
CA ALA A 44 24.25 6.88 13.77
C ALA A 44 24.04 6.89 12.24
N ILE A 45 23.16 6.03 11.71
CA ILE A 45 22.82 5.92 10.26
C ILE A 45 22.21 7.26 9.82
N TRP A 46 21.32 7.83 10.64
CA TRP A 46 20.60 9.11 10.33
C TRP A 46 21.62 10.26 10.23
N GLU A 47 22.49 10.39 11.21
CA GLU A 47 23.59 11.38 11.20
C GLU A 47 24.41 11.26 9.92
N THR A 48 24.83 10.06 9.55
CA THR A 48 25.67 9.83 8.35
C THR A 48 24.90 10.40 7.15
N ARG A 49 23.59 10.11 7.06
CA ARG A 49 22.73 10.47 5.93
C ARG A 49 22.57 12.01 5.87
N LEU A 50 22.30 12.66 7.00
CA LEU A 50 22.10 14.13 7.04
C LEU A 50 23.41 14.84 6.68
N LYS A 51 24.55 14.31 7.10
CA LYS A 51 25.84 14.96 6.80
C LYS A 51 26.18 14.83 5.29
N ALA A 52 25.46 13.99 4.54
CA ALA A 52 25.60 13.89 3.07
C ALA A 52 24.47 14.67 2.37
N GLN A 53 23.27 14.69 2.97
CA GLN A 53 22.03 15.24 2.37
C GLN A 53 21.31 16.06 3.43
N PRO A 54 21.84 17.25 3.79
CA PRO A 54 21.33 18.00 4.95
C PRO A 54 19.93 18.57 4.76
N TRP A 55 19.37 18.54 3.53
CA TRP A 55 17.98 18.99 3.21
C TRP A 55 16.94 17.91 3.53
N LEU A 56 17.34 16.69 3.89
CA LEU A 56 16.39 15.63 4.34
C LEU A 56 15.74 16.01 5.66
N PHE A 57 14.48 15.60 5.87
CA PHE A 57 13.71 15.81 7.11
C PHE A 57 13.03 14.50 7.51
N ASP A 58 12.89 14.29 8.82
CA ASP A 58 12.13 13.16 9.41
C ASP A 58 10.63 13.45 9.22
N ALA A 59 9.81 12.42 9.31
CA ALA A 59 8.33 12.51 9.37
C ALA A 59 7.79 11.31 10.14
N PRO A 60 6.72 11.50 10.94
CA PRO A 60 6.01 10.38 11.54
C PRO A 60 5.30 9.54 10.47
N LYS A 61 5.08 8.26 10.82
CA LYS A 61 4.40 7.24 10.00
C LYS A 61 3.52 6.39 10.94
N PHE A 62 2.42 5.83 10.45
CA PHE A 62 1.75 4.71 11.13
C PHE A 62 2.60 3.41 11.00
N ARG A 63 2.54 2.58 12.02
CA ARG A 63 3.10 1.21 12.03
C ARG A 63 1.94 0.21 12.12
N LEU A 64 1.94 -0.80 11.24
CA LEU A 64 1.00 -1.95 11.34
C LEU A 64 1.59 -3.00 12.26
N HIS A 65 0.89 -3.28 13.37
CA HIS A 65 1.19 -4.45 14.25
C HIS A 65 0.49 -5.70 13.72
N SER A 66 -0.82 -5.63 13.53
CA SER A 66 -1.65 -6.79 13.10
C SER A 66 -3.04 -6.30 12.71
N ALA A 67 -3.81 -7.18 12.06
CA ALA A 67 -5.16 -6.86 11.57
C ALA A 67 -6.01 -8.12 11.70
N THR A 68 -7.10 -8.06 12.46
CA THR A 68 -7.99 -9.20 12.76
C THR A 68 -9.37 -9.00 12.13
N LEU A 69 -9.74 -9.92 11.23
CA LEU A 69 -11.08 -9.93 10.58
C LEU A 69 -12.11 -10.67 11.46
N ALA A 70 -13.31 -10.09 11.54
CA ALA A 70 -14.48 -10.69 12.23
C ALA A 70 -14.82 -12.02 11.55
N PRO A 71 -15.60 -12.90 12.20
CA PRO A 71 -16.21 -14.05 11.51
C PRO A 71 -17.04 -13.60 10.29
N ILE A 72 -16.89 -14.26 9.13
CA ILE A 72 -17.54 -13.80 7.86
C ILE A 72 -19.05 -13.94 8.06
N GLY A 73 -19.79 -13.00 7.46
CA GLY A 73 -21.26 -12.94 7.51
C GLY A 73 -21.80 -12.17 8.69
N SER A 74 -20.94 -11.67 9.58
CA SER A 74 -21.35 -11.11 10.90
C SER A 74 -21.87 -9.67 10.72
N ARG A 75 -22.65 -9.22 11.69
CA ARG A 75 -23.12 -7.82 11.87
C ARG A 75 -22.09 -7.06 12.71
N GLY A 76 -22.05 -5.74 12.57
CA GLY A 76 -21.14 -4.88 13.35
C GLY A 76 -19.80 -4.74 12.64
N PRO A 77 -18.81 -4.10 13.32
CA PRO A 77 -17.46 -3.93 12.79
C PRO A 77 -16.79 -5.21 12.27
N GLN A 78 -16.19 -5.15 11.08
CA GLN A 78 -15.69 -6.37 10.38
C GLN A 78 -14.16 -6.51 10.49
N LEU A 79 -13.44 -5.43 10.81
CA LEU A 79 -11.96 -5.46 10.81
C LEU A 79 -11.46 -4.63 11.99
N LEU A 80 -10.49 -5.13 12.76
CA LEU A 80 -9.73 -4.31 13.76
C LEU A 80 -8.27 -4.15 13.28
N LEU A 81 -7.83 -2.93 13.08
CA LEU A 81 -6.40 -2.62 12.75
C LEU A 81 -5.72 -2.24 14.06
N ARG A 82 -4.64 -2.96 14.40
CA ARG A 82 -3.79 -2.62 15.56
C ARG A 82 -2.59 -1.84 15.02
N LEU A 83 -2.53 -0.55 15.35
CA LEU A 83 -1.55 0.42 14.79
C LEU A 83 -0.65 0.99 15.90
N GLY A 84 0.62 1.21 15.59
CA GLY A 84 1.51 2.03 16.42
C GLY A 84 2.02 3.23 15.67
N LEU A 85 3.12 3.82 16.14
CA LEU A 85 3.77 4.97 15.46
C LEU A 85 5.23 4.59 15.24
N THR A 86 5.76 5.05 14.10
CA THR A 86 7.18 4.97 13.68
C THR A 86 7.52 6.26 12.92
N SER A 87 8.60 6.25 12.14
CA SER A 87 9.15 7.45 11.47
C SER A 87 9.93 7.01 10.25
N TYR A 88 10.19 7.96 9.39
CA TYR A 88 11.04 7.78 8.21
C TYR A 88 12.46 7.42 8.70
N ARG A 89 12.96 8.11 9.72
CA ARG A 89 14.32 7.86 10.36
C ARG A 89 14.45 6.39 10.79
N ASP A 90 13.43 5.87 11.49
CA ASP A 90 13.44 4.48 12.02
C ASP A 90 13.38 3.51 10.86
N PHE A 91 12.59 3.84 9.83
CA PHE A 91 12.54 3.01 8.59
C PHE A 91 13.96 2.87 8.00
N LEU A 92 14.68 3.99 7.85
CA LEU A 92 16.00 3.96 7.15
C LEU A 92 17.00 3.13 7.98
N GLY A 93 16.87 3.17 9.30
CA GLY A 93 17.74 2.42 10.23
C GLY A 93 17.36 0.96 10.42
N THR A 94 16.19 0.48 9.92
CA THR A 94 15.75 -0.91 10.18
C THR A 94 15.41 -1.62 8.86
N ASN A 95 14.19 -1.49 8.34
CA ASN A 95 13.75 -2.16 7.10
C ASN A 95 14.76 -1.94 5.94
N TRP A 96 15.29 -0.73 5.78
CA TRP A 96 16.15 -0.29 4.64
C TRP A 96 17.61 -0.71 4.86
N SER A 97 17.98 -1.00 6.10
CA SER A 97 19.37 -1.40 6.50
C SER A 97 19.79 -2.71 5.81
N SER A 98 21.10 -2.83 5.54
CA SER A 98 21.70 -4.07 4.99
C SER A 98 21.52 -5.24 5.97
N SER A 99 21.36 -4.93 7.27
N SER A 99 21.39 -4.98 7.28
CA SER A 99 21.24 -5.91 8.39
CA SER A 99 21.25 -6.03 8.32
C SER A 99 19.77 -6.27 8.69
C SER A 99 19.77 -6.27 8.70
N ALA A 100 18.81 -5.85 7.87
CA ALA A 100 17.36 -6.07 8.15
C ALA A 100 17.04 -7.57 8.42
N ALA A 101 17.67 -8.52 7.69
CA ALA A 101 17.42 -9.97 7.89
C ALA A 101 17.90 -10.39 9.29
N TRP A 102 19.03 -9.86 9.77
CA TRP A 102 19.54 -10.14 11.14
C TRP A 102 18.52 -9.65 12.18
N LEU A 103 17.91 -8.48 11.95
CA LEU A 103 16.89 -7.90 12.87
C LEU A 103 15.65 -8.80 12.93
N ARG A 104 15.25 -9.39 11.81
CA ARG A 104 14.10 -10.32 11.73
C ARG A 104 14.40 -11.57 12.58
N GLN A 105 15.59 -12.16 12.42
CA GLN A 105 16.01 -13.40 13.13
C GLN A 105 16.03 -13.13 14.64
N GLN A 106 16.60 -12.00 15.06
N GLN A 106 16.58 -11.99 15.06
CA GLN A 106 16.66 -11.56 16.49
CA GLN A 106 16.67 -11.57 16.48
C GLN A 106 15.25 -11.37 17.04
C GLN A 106 15.25 -11.34 17.04
N GLY A 107 14.34 -10.82 16.23
CA GLY A 107 12.94 -10.65 16.66
C GLY A 107 12.25 -12.00 16.88
N ALA A 108 12.44 -12.96 15.98
CA ALA A 108 11.96 -14.36 16.16
C ALA A 108 12.50 -14.95 17.48
N THR A 109 13.81 -14.86 17.71
CA THR A 109 14.49 -15.35 18.93
C THR A 109 13.92 -14.72 20.19
N ASP A 110 13.86 -13.37 20.26
CA ASP A 110 13.65 -12.62 21.51
C ASP A 110 12.15 -12.47 21.81
N TRP A 111 11.29 -12.33 20.80
CA TRP A 111 9.87 -11.94 20.96
C TRP A 111 8.92 -12.93 20.27
N GLY A 112 9.40 -13.99 19.58
CA GLY A 112 8.61 -14.80 18.64
C GLY A 112 7.86 -13.95 17.61
N ASP A 113 8.51 -12.91 17.09
CA ASP A 113 7.90 -11.91 16.17
C ASP A 113 9.00 -11.38 15.25
N THR A 114 9.02 -11.87 13.99
CA THR A 114 10.05 -11.48 12.98
C THR A 114 10.06 -9.95 12.81
N GLN A 115 8.95 -9.26 13.11
CA GLN A 115 8.84 -7.79 12.85
C GLN A 115 9.16 -6.93 14.09
N ALA A 116 9.49 -7.54 15.22
CA ALA A 116 9.49 -6.84 16.53
C ALA A 116 10.48 -5.67 16.50
N TYR A 117 11.61 -5.81 15.80
CA TYR A 117 12.68 -4.78 15.76
C TYR A 117 12.61 -3.97 14.45
N LEU A 118 11.52 -4.06 13.69
CA LEU A 118 11.39 -3.33 12.38
C LEU A 118 10.39 -2.17 12.50
N ALA A 119 10.72 -1.04 11.88
CA ALA A 119 9.84 0.15 11.79
C ALA A 119 8.49 -0.25 11.17
N ASP A 120 8.49 -0.95 10.04
CA ASP A 120 7.27 -1.41 9.33
C ASP A 120 6.26 -0.27 9.13
N PRO A 121 6.64 0.86 8.50
CA PRO A 121 5.70 1.95 8.18
C PRO A 121 4.56 1.50 7.25
N LEU A 122 3.32 1.88 7.55
CA LEU A 122 2.11 1.45 6.77
C LEU A 122 2.01 2.27 5.48
N GLY A 123 2.01 1.57 4.34
CA GLY A 123 1.75 2.17 3.03
C GLY A 123 0.27 2.10 2.66
N VAL A 124 -0.16 2.93 1.71
CA VAL A 124 -1.51 2.86 1.06
C VAL A 124 -1.31 2.87 -0.46
N GLY A 125 -2.14 2.14 -1.19
CA GLY A 125 -2.13 2.14 -2.67
C GLY A 125 -3.52 1.88 -3.20
N ALA A 126 -3.72 2.18 -4.48
CA ALA A 126 -5.03 2.02 -5.13
C ALA A 126 -4.91 1.24 -6.44
N ALA A 127 -5.83 0.28 -6.63
CA ALA A 127 -6.35 -0.16 -7.93
C ALA A 127 -7.38 0.89 -8.34
N LEU A 128 -6.98 1.83 -9.22
CA LEU A 128 -7.78 3.00 -9.65
C LEU A 128 -8.38 2.68 -11.03
N ALA A 129 -9.71 2.52 -11.12
CA ALA A 129 -10.39 2.07 -12.36
C ALA A 129 -10.98 3.29 -13.07
N THR A 130 -10.98 3.31 -14.39
CA THR A 130 -11.55 4.42 -15.21
C THR A 130 -13.00 4.08 -15.58
N ALA A 131 -13.76 5.06 -16.08
CA ALA A 131 -15.19 4.87 -16.46
C ALA A 131 -15.29 3.92 -17.67
N ASP A 132 -14.23 3.82 -18.49
CA ASP A 132 -14.12 2.89 -19.66
C ASP A 132 -13.38 1.56 -19.34
N ASP A 133 -13.26 1.25 -18.04
N ASP A 133 -13.20 1.24 -18.06
CA ASP A 133 -12.81 -0.06 -17.48
CA ASP A 133 -12.82 -0.12 -17.59
C ASP A 133 -11.34 -0.33 -17.84
C ASP A 133 -11.32 -0.37 -17.79
N PHE A 134 -10.46 0.57 -17.40
CA PHE A 134 -8.98 0.36 -17.35
C PHE A 134 -8.51 0.55 -15.89
N LEU A 135 -7.43 -0.10 -15.50
CA LEU A 135 -6.65 0.29 -14.29
C LEU A 135 -5.48 1.20 -14.68
N VAL A 136 -5.12 2.10 -13.75
CA VAL A 136 -4.08 3.15 -13.94
C VAL A 136 -2.74 2.70 -13.38
N PHE A 137 -1.67 2.82 -14.16
CA PHE A 137 -0.28 2.48 -13.78
C PHE A 137 0.66 3.68 -14.00
N LEU A 138 1.73 3.74 -13.22
CA LEU A 138 2.72 4.85 -13.23
C LEU A 138 4.12 4.27 -13.39
N ARG A 139 5.00 4.98 -14.08
CA ARG A 139 6.41 4.53 -14.29
C ARG A 139 7.27 5.31 -13.31
N ARG A 140 8.04 4.63 -12.47
CA ARG A 140 8.92 5.30 -11.49
C ARG A 140 10.17 5.82 -12.20
N SER A 141 10.64 7.00 -11.81
CA SER A 141 11.96 7.56 -12.20
C SER A 141 13.06 6.51 -12.01
N ARG A 142 14.08 6.53 -12.86
CA ARG A 142 15.27 5.64 -12.76
C ARG A 142 16.27 6.26 -11.77
N GLN A 143 16.00 7.45 -11.24
CA GLN A 143 16.91 8.22 -10.35
C GLN A 143 16.55 8.06 -8.85
N VAL A 144 15.44 7.40 -8.49
CA VAL A 144 15.02 7.31 -7.06
C VAL A 144 15.71 6.13 -6.39
N ALA A 145 15.70 6.11 -5.05
CA ALA A 145 16.38 5.10 -4.21
C ALA A 145 15.66 3.75 -4.25
N GLU A 146 14.33 3.76 -4.14
CA GLU A 146 13.50 2.53 -4.03
C GLU A 146 12.86 2.20 -5.38
N ALA A 147 13.05 0.96 -5.85
CA ALA A 147 12.39 0.39 -7.04
C ALA A 147 12.59 1.29 -8.26
N PRO A 148 13.82 1.80 -8.56
CA PRO A 148 13.99 2.69 -9.69
C PRO A 148 13.59 2.06 -11.04
N GLY A 149 12.85 2.82 -11.82
CA GLY A 149 12.50 2.40 -13.19
C GLY A 149 11.37 1.39 -13.25
N LEU A 150 10.76 1.03 -12.13
CA LEU A 150 9.71 -0.05 -12.14
C LEU A 150 8.33 0.58 -12.32
N VAL A 151 7.35 -0.24 -12.67
CA VAL A 151 5.91 0.15 -12.74
C VAL A 151 5.31 0.16 -11.33
N ASP A 152 4.53 1.21 -10.98
CA ASP A 152 3.83 1.34 -9.67
C ASP A 152 2.33 1.60 -9.90
N VAL A 153 1.58 1.64 -8.81
CA VAL A 153 0.18 2.15 -8.80
C VAL A 153 0.20 3.41 -7.93
N PRO A 154 -0.84 4.28 -7.98
CA PRO A 154 -0.87 5.45 -7.08
C PRO A 154 -0.84 5.06 -5.59
N GLY A 155 -0.01 5.73 -4.79
CA GLY A 155 -0.06 5.57 -3.33
C GLY A 155 1.15 6.19 -2.66
N GLY A 156 1.34 5.88 -1.37
CA GLY A 156 2.47 6.44 -0.59
C GLY A 156 2.45 5.94 0.83
N HIS A 157 3.09 6.68 1.76
CA HIS A 157 3.25 6.28 3.18
C HIS A 157 2.77 7.44 4.03
N PRO A 158 1.49 7.43 4.47
CA PRO A 158 0.90 8.61 5.07
C PRO A 158 1.54 9.01 6.41
N GLU A 159 1.65 10.33 6.60
CA GLU A 159 2.13 10.99 7.84
C GLU A 159 0.93 11.35 8.70
N PRO A 160 0.79 10.80 9.93
CA PRO A 160 -0.22 11.22 10.91
C PRO A 160 -0.39 12.74 11.15
N GLN A 161 -1.63 13.16 11.55
CA GLN A 161 -2.13 14.55 11.78
C GLN A 161 -1.20 15.60 11.19
N ASP A 173 -12.32 3.12 19.91
CA ASP A 173 -12.45 3.68 18.54
C ASP A 173 -12.58 5.21 18.62
N LEU A 174 -12.24 5.85 19.75
CA LEU A 174 -12.60 7.29 19.94
C LEU A 174 -11.45 8.24 19.56
N ALA A 175 -10.21 7.77 19.43
CA ALA A 175 -9.24 8.38 18.49
C ALA A 175 -9.11 7.47 17.25
N GLY A 176 -9.54 6.19 17.35
CA GLY A 176 -9.54 5.15 16.29
C GLY A 176 -10.28 5.56 15.01
N GLN A 177 -11.49 6.11 15.13
CA GLN A 177 -12.32 6.47 13.95
C GLN A 177 -11.68 7.62 13.15
N LEU A 178 -10.94 8.51 13.81
CA LEU A 178 -10.24 9.63 13.11
C LEU A 178 -9.05 9.03 12.37
N VAL A 179 -8.42 8.00 12.93
CA VAL A 179 -7.25 7.34 12.27
C VAL A 179 -7.76 6.62 11.02
N VAL A 180 -8.87 5.89 11.07
CA VAL A 180 -9.44 5.18 9.89
C VAL A 180 -9.79 6.24 8.81
N HIS A 181 -10.44 7.34 9.21
CA HIS A 181 -10.76 8.46 8.29
C HIS A 181 -9.49 8.99 7.60
N GLU A 182 -8.40 9.22 8.34
N GLU A 182 -8.40 9.19 8.36
CA GLU A 182 -7.15 9.77 7.74
CA GLU A 182 -7.13 9.73 7.82
C GLU A 182 -6.57 8.76 6.75
C GLU A 182 -6.56 8.76 6.78
N LEU A 183 -6.64 7.46 7.04
CA LEU A 183 -6.14 6.41 6.06
C LEU A 183 -6.96 6.46 4.76
N PHE A 184 -8.30 6.43 4.80
CA PHE A 184 -9.12 6.47 3.56
C PHE A 184 -8.91 7.80 2.80
N SER A 185 -8.86 8.93 3.52
N SER A 185 -8.83 8.94 3.50
CA SER A 185 -8.57 10.28 2.97
CA SER A 185 -8.61 10.28 2.90
C SER A 185 -7.20 10.30 2.27
C SER A 185 -7.19 10.38 2.29
N SER A 186 -6.19 9.70 2.88
CA SER A 186 -4.79 9.72 2.36
C SER A 186 -4.69 9.01 1.00
N VAL A 187 -5.44 7.93 0.75
CA VAL A 187 -5.32 7.27 -0.60
C VAL A 187 -5.95 8.21 -1.68
N LEU A 188 -7.06 8.91 -1.37
CA LEU A 188 -7.65 9.91 -2.31
C LEU A 188 -6.65 11.06 -2.51
N GLN A 189 -6.03 11.54 -1.43
CA GLN A 189 -5.11 12.70 -1.53
C GLN A 189 -3.92 12.32 -2.40
N GLU A 190 -3.40 11.09 -2.29
CA GLU A 190 -2.26 10.58 -3.11
C GLU A 190 -2.68 10.50 -4.59
N ILE A 191 -3.93 10.12 -4.90
CA ILE A 191 -4.45 10.14 -6.29
C ILE A 191 -4.52 11.60 -6.79
N CYS A 192 -5.08 12.52 -6.02
CA CYS A 192 -5.17 13.96 -6.43
C CYS A 192 -3.78 14.56 -6.63
N ASP A 193 -2.84 14.29 -5.73
CA ASP A 193 -1.46 14.87 -5.79
C ASP A 193 -0.70 14.38 -7.02
N GLU A 194 -0.74 13.08 -7.33
CA GLU A 194 0.18 12.47 -8.32
C GLU A 194 -0.51 12.41 -9.68
N VAL A 195 -1.81 12.06 -9.76
CA VAL A 195 -2.52 11.85 -11.05
C VAL A 195 -3.21 13.16 -11.44
N ASN A 196 -3.33 14.11 -10.51
CA ASN A 196 -3.84 15.47 -10.82
C ASN A 196 -5.33 15.40 -11.18
N LEU A 197 -6.05 14.45 -10.59
CA LEU A 197 -7.51 14.29 -10.78
C LEU A 197 -8.26 15.17 -9.77
N PRO A 198 -9.42 15.72 -10.16
CA PRO A 198 -10.30 16.39 -9.21
C PRO A 198 -10.88 15.35 -8.24
N LEU A 199 -10.94 15.70 -6.95
CA LEU A 199 -11.46 14.85 -5.84
C LEU A 199 -12.89 14.41 -6.16
N LEU A 200 -13.71 15.29 -6.78
CA LEU A 200 -15.12 14.95 -7.07
C LEU A 200 -15.27 13.95 -8.21
N THR A 201 -14.20 13.51 -8.86
CA THR A 201 -14.31 12.42 -9.87
C THR A 201 -14.08 11.06 -9.20
N LEU A 202 -13.79 11.01 -7.88
CA LEU A 202 -13.39 9.73 -7.20
C LEU A 202 -14.49 9.20 -6.29
N SER A 203 -14.70 7.87 -6.27
CA SER A 203 -15.58 7.14 -5.32
C SER A 203 -14.95 7.10 -3.93
N GLN A 204 -15.77 6.93 -2.88
CA GLN A 204 -15.25 6.56 -1.54
C GLN A 204 -14.49 5.25 -1.70
N PRO A 205 -13.25 5.12 -1.19
CA PRO A 205 -12.49 3.87 -1.35
C PRO A 205 -13.10 2.64 -0.62
N LEU A 206 -12.83 1.44 -1.14
CA LEU A 206 -13.06 0.16 -0.43
C LEU A 206 -11.71 -0.51 -0.15
N LEU A 207 -11.49 -0.93 1.10
CA LEU A 207 -10.26 -1.71 1.45
C LEU A 207 -10.35 -3.14 0.88
N LEU A 208 -9.43 -3.50 -0.03
CA LEU A 208 -9.36 -4.87 -0.60
C LEU A 208 -8.61 -5.82 0.34
N GLY A 209 -7.54 -5.35 0.99
CA GLY A 209 -6.74 -6.18 1.90
C GLY A 209 -5.41 -5.54 2.22
N ILE A 210 -4.51 -6.35 2.78
CA ILE A 210 -3.18 -5.89 3.23
C ILE A 210 -2.16 -6.85 2.66
N ALA A 211 -1.06 -6.29 2.14
CA ALA A 211 0.01 -7.05 1.48
C ALA A 211 1.33 -6.65 2.13
N ARG A 212 2.23 -7.64 2.25
CA ARG A 212 3.59 -7.44 2.81
C ARG A 212 4.63 -7.47 1.67
N ASN A 213 5.57 -6.53 1.74
CA ASN A 213 6.69 -6.35 0.78
C ASN A 213 7.92 -7.07 1.35
N GLU A 214 8.21 -8.29 0.90
CA GLU A 214 9.31 -9.13 1.44
C GLU A 214 10.67 -8.57 0.98
N THR A 215 10.72 -7.75 -0.08
CA THR A 215 11.99 -7.07 -0.46
C THR A 215 12.29 -5.89 0.47
N SER A 216 11.35 -5.46 1.31
CA SER A 216 11.59 -4.37 2.28
C SER A 216 11.32 -4.92 3.69
N ALA A 217 11.81 -6.15 3.96
CA ALA A 217 11.87 -6.79 5.28
C ALA A 217 10.46 -6.95 5.86
N GLY A 218 9.44 -7.03 5.00
CA GLY A 218 8.09 -7.40 5.42
C GLY A 218 7.15 -6.26 5.81
N ARG A 219 7.50 -5.02 5.50
CA ARG A 219 6.58 -3.86 5.74
C ARG A 219 5.26 -4.13 5.02
N ALA A 220 4.15 -3.64 5.59
CA ALA A 220 2.78 -3.92 5.11
C ALA A 220 2.18 -2.67 4.48
N SER A 221 1.33 -2.85 3.48
CA SER A 221 0.57 -1.76 2.81
C SER A 221 -0.90 -2.13 2.64
N ALA A 222 -1.78 -1.21 2.96
CA ALA A 222 -3.24 -1.36 2.74
C ALA A 222 -3.54 -1.01 1.28
N GLU A 223 -4.26 -1.88 0.57
CA GLU A 223 -4.56 -1.73 -0.87
C GLU A 223 -6.07 -1.53 -1.02
N PHE A 224 -6.47 -0.46 -1.72
CA PHE A 224 -7.87 0.01 -1.88
C PHE A 224 -8.30 -0.06 -3.34
N TYR A 225 -9.60 -0.17 -3.58
CA TYR A 225 -10.25 -0.03 -4.90
C TYR A 225 -10.90 1.35 -4.95
N VAL A 226 -10.59 2.15 -5.95
CA VAL A 226 -11.21 3.48 -6.17
C VAL A 226 -11.67 3.55 -7.62
N GLN A 227 -12.89 4.03 -7.82
N GLN A 227 -12.92 3.97 -7.84
CA GLN A 227 -13.51 4.21 -9.16
CA GLN A 227 -13.51 4.18 -9.19
C GLN A 227 -13.43 5.69 -9.53
C GLN A 227 -13.42 5.67 -9.53
N CYS A 228 -13.03 5.98 -10.77
CA CYS A 228 -13.03 7.36 -11.33
C CYS A 228 -14.13 7.49 -12.40
N SER A 229 -14.83 8.61 -12.43
CA SER A 229 -15.94 8.88 -13.39
C SER A 229 -15.37 9.39 -14.73
N LEU A 230 -14.05 9.66 -14.81
CA LEU A 230 -13.39 10.01 -16.10
C LEU A 230 -12.95 8.74 -16.86
N THR A 231 -12.92 8.87 -18.18
CA THR A 231 -12.35 7.87 -19.12
C THR A 231 -10.82 7.90 -19.04
N SER A 232 -10.16 6.86 -19.52
CA SER A 232 -8.68 6.77 -19.60
C SER A 232 -8.11 7.98 -20.37
N GLU A 233 -8.74 8.42 -21.45
CA GLU A 233 -8.22 9.57 -22.23
C GLU A 233 -8.28 10.83 -21.36
N GLN A 234 -9.35 11.02 -20.59
CA GLN A 234 -9.51 12.22 -19.73
C GLN A 234 -8.51 12.17 -18.56
N VAL A 235 -8.28 10.98 -17.97
CA VAL A 235 -7.29 10.82 -16.86
C VAL A 235 -5.89 11.21 -17.36
N ARG A 236 -5.49 10.69 -18.52
CA ARG A 236 -4.18 11.00 -19.18
C ARG A 236 -4.03 12.52 -19.36
N LYS A 237 -5.08 13.19 -19.85
CA LYS A 237 -5.05 14.67 -20.06
C LYS A 237 -4.77 15.36 -18.72
N HIS A 238 -5.42 14.95 -17.63
CA HIS A 238 -5.28 15.62 -16.31
C HIS A 238 -3.85 15.43 -15.79
N TYR A 239 -3.32 14.21 -15.84
CA TYR A 239 -1.94 13.83 -15.45
C TYR A 239 -0.96 14.73 -16.22
N LEU A 240 -1.03 14.77 -17.56
CA LEU A 240 0.00 15.47 -18.39
C LEU A 240 -0.08 16.99 -18.20
N SER A 241 -1.28 17.53 -17.96
CA SER A 241 -1.52 19.02 -17.96
C SER A 241 -0.92 19.69 -16.72
N GLY A 242 -0.43 18.93 -15.74
CA GLY A 242 0.36 19.48 -14.62
C GLY A 242 1.80 19.79 -15.05
N GLY A 243 2.33 19.06 -16.02
CA GLY A 243 3.73 19.25 -16.49
C GLY A 243 4.69 18.41 -15.68
N PRO A 244 5.98 18.33 -16.08
CA PRO A 244 6.96 17.49 -15.38
C PRO A 244 7.09 17.68 -13.85
N GLU A 245 6.89 18.90 -13.32
CA GLU A 245 7.05 19.23 -11.88
C GLU A 245 5.79 18.93 -11.05
N ALA A 246 4.71 18.46 -11.68
CA ALA A 246 3.43 18.19 -10.98
C ALA A 246 3.36 16.73 -10.49
N HIS A 247 4.27 15.85 -10.94
CA HIS A 247 4.26 14.41 -10.59
C HIS A 247 5.70 13.88 -10.38
N GLU A 248 5.86 12.86 -9.52
CA GLU A 248 7.18 12.22 -9.21
C GLU A 248 7.45 11.13 -10.25
N SER A 249 6.39 10.50 -10.77
CA SER A 249 6.46 9.47 -11.84
C SER A 249 6.91 10.11 -13.18
N THR A 250 7.34 9.29 -14.15
CA THR A 250 7.80 9.79 -15.48
C THR A 250 6.83 9.43 -16.60
N GLY A 251 5.75 8.72 -16.30
CA GLY A 251 4.73 8.41 -17.30
C GLY A 251 3.53 7.73 -16.67
N ILE A 252 2.43 7.66 -17.44
CA ILE A 252 1.14 7.03 -17.03
C ILE A 252 0.75 6.07 -18.16
N PHE A 253 0.10 4.95 -17.82
CA PHE A 253 -0.46 4.05 -18.83
C PHE A 253 -1.62 3.28 -18.23
N PHE A 254 -2.34 2.56 -19.08
CA PHE A 254 -3.66 1.95 -18.76
C PHE A 254 -3.70 0.52 -19.29
N VAL A 255 -4.29 -0.40 -18.51
CA VAL A 255 -4.48 -1.83 -18.93
C VAL A 255 -5.97 -2.15 -18.72
N GLU A 256 -6.62 -2.72 -19.72
CA GLU A 256 -8.06 -3.10 -19.64
C GLU A 256 -8.26 -4.01 -18.41
N THR A 257 -9.35 -3.86 -17.64
CA THR A 257 -9.60 -4.77 -16.50
C THR A 257 -9.66 -6.22 -17.02
N GLN A 258 -10.14 -6.42 -18.25
CA GLN A 258 -10.18 -7.76 -18.88
C GLN A 258 -8.79 -8.42 -18.84
N ASN A 259 -7.73 -7.63 -19.05
CA ASN A 259 -6.34 -8.16 -19.20
C ASN A 259 -5.59 -8.20 -17.86
N VAL A 260 -6.06 -7.48 -16.83
CA VAL A 260 -5.43 -7.51 -15.48
C VAL A 260 -5.50 -8.93 -14.92
N ARG A 261 -6.63 -9.63 -15.16
CA ARG A 261 -6.82 -11.05 -14.81
C ARG A 261 -5.54 -11.86 -15.05
N ARG A 262 -4.87 -11.72 -16.20
CA ARG A 262 -3.74 -12.63 -16.58
C ARG A 262 -2.42 -11.88 -16.47
N LEU A 263 -2.37 -10.72 -15.82
CA LEU A 263 -1.13 -9.89 -15.76
C LEU A 263 0.06 -10.68 -15.21
N PRO A 264 -0.08 -11.59 -14.22
CA PRO A 264 1.09 -12.37 -13.74
C PRO A 264 1.74 -13.32 -14.76
N GLU A 265 1.09 -13.49 -15.91
CA GLU A 265 1.63 -14.31 -17.03
C GLU A 265 2.29 -13.42 -18.10
N THR A 266 2.24 -12.09 -17.96
CA THR A 266 2.79 -11.12 -18.96
C THR A 266 4.22 -10.72 -18.58
N GLU A 267 4.96 -10.13 -19.53
CA GLU A 267 6.32 -9.54 -19.33
C GLU A 267 6.23 -8.30 -18.43
N MET A 268 5.04 -7.72 -18.26
CA MET A 268 4.88 -6.52 -17.39
C MET A 268 5.14 -6.95 -15.92
N TRP A 269 4.84 -8.19 -15.59
CA TRP A 269 4.86 -8.65 -14.16
C TRP A 269 6.25 -8.45 -13.57
N ALA A 270 7.31 -8.76 -14.33
CA ALA A 270 8.72 -8.64 -13.88
C ALA A 270 9.13 -7.17 -13.72
N GLU A 271 8.36 -6.22 -14.27
CA GLU A 271 8.63 -4.77 -14.13
C GLU A 271 7.83 -4.14 -12.98
N LEU A 272 6.86 -4.82 -12.38
CA LEU A 272 6.03 -4.25 -11.29
C LEU A 272 6.78 -4.31 -9.96
N CYS A 273 6.86 -3.20 -9.22
CA CYS A 273 7.49 -3.18 -7.88
C CYS A 273 6.52 -3.86 -6.90
N PRO A 274 7.05 -4.39 -5.77
CA PRO A 274 6.24 -5.19 -4.85
C PRO A 274 4.90 -4.56 -4.41
N SER A 275 4.86 -3.23 -4.26
CA SER A 275 3.63 -2.45 -3.92
C SER A 275 2.52 -2.79 -4.90
N ALA A 276 2.79 -2.54 -6.18
CA ALA A 276 1.83 -2.70 -7.29
C ALA A 276 1.39 -4.16 -7.38
N LYS A 277 2.30 -5.10 -7.17
CA LYS A 277 1.95 -6.56 -7.29
C LYS A 277 0.87 -6.92 -6.26
N GLY A 278 1.02 -6.43 -5.01
CA GLY A 278 0.04 -6.61 -3.93
C GLY A 278 -1.33 -6.09 -4.35
N ALA A 279 -1.39 -4.85 -4.87
CA ALA A 279 -2.64 -4.20 -5.27
C ALA A 279 -3.32 -5.03 -6.38
N ILE A 280 -2.57 -5.49 -7.37
CA ILE A 280 -3.17 -6.28 -8.49
C ILE A 280 -3.63 -7.67 -8.01
N ILE A 281 -2.87 -8.38 -7.18
CA ILE A 281 -3.31 -9.71 -6.61
C ILE A 281 -4.63 -9.52 -5.85
N LEU A 282 -4.70 -8.50 -4.98
CA LEU A 282 -5.94 -8.24 -4.20
C LEU A 282 -7.11 -7.81 -5.10
N TYR A 283 -6.92 -6.95 -6.10
CA TYR A 283 -7.98 -6.59 -7.08
C TYR A 283 -8.51 -7.85 -7.76
N ASN A 284 -7.63 -8.71 -8.23
CA ASN A 284 -8.03 -9.96 -8.94
C ASN A 284 -8.83 -10.90 -8.00
N ARG A 285 -8.45 -11.03 -6.73
CA ARG A 285 -9.13 -11.96 -5.78
C ARG A 285 -10.45 -11.39 -5.26
N VAL A 286 -10.50 -10.09 -4.99
CA VAL A 286 -11.60 -9.43 -4.23
C VAL A 286 -12.62 -8.75 -5.15
N GLN A 287 -12.20 -7.99 -6.16
CA GLN A 287 -13.12 -7.35 -7.13
C GLN A 287 -13.32 -8.29 -8.35
N GLY A 288 -12.26 -8.91 -8.87
CA GLY A 288 -12.39 -9.99 -9.88
C GLY A 288 -12.91 -11.29 -9.25
N SER A 289 -12.72 -12.43 -9.92
CA SER A 289 -13.12 -13.78 -9.41
C SER A 289 -14.59 -13.78 -9.00
N PRO A 290 -15.57 -13.72 -9.94
CA PRO A 290 -16.98 -13.71 -9.57
C PRO A 290 -17.44 -15.03 -8.92
N THR A 291 -18.50 -14.98 -8.10
CA THR A 291 -19.00 -16.12 -7.29
C THR A 291 -20.39 -16.57 -7.75
N GLY A 292 -21.14 -15.73 -8.48
CA GLY A 292 -22.56 -16.02 -8.82
C GLY A 292 -22.69 -16.60 -10.23
N ALA A 293 -23.89 -17.10 -10.58
CA ALA A 293 -24.16 -17.88 -11.83
C ALA A 293 -23.93 -17.02 -13.09
N ALA A 294 -24.41 -15.78 -13.09
CA ALA A 294 -24.37 -14.89 -14.28
C ALA A 294 -22.91 -14.55 -14.65
N LEU A 295 -22.14 -13.92 -13.74
CA LEU A 295 -20.76 -13.45 -14.05
C LEU A 295 -19.81 -14.66 -14.17
N GLY A 296 -20.20 -15.82 -13.61
CA GLY A 296 -19.40 -17.06 -13.65
C GLY A 296 -19.67 -17.90 -14.89
N SER A 297 -20.63 -17.52 -15.74
CA SER A 297 -20.96 -18.27 -16.98
C SER A 297 -19.76 -18.23 -17.94
N PRO A 298 -19.50 -19.29 -18.75
CA PRO A 298 -18.31 -19.35 -19.60
C PRO A 298 -18.07 -18.18 -20.58
N ALA A 299 -19.12 -17.63 -21.20
CA ALA A 299 -18.99 -16.46 -22.11
C ALA A 299 -18.40 -15.25 -21.36
N LEU A 300 -18.78 -15.05 -20.08
CA LEU A 300 -18.35 -13.87 -19.27
C LEU A 300 -17.08 -14.18 -18.47
N LEU A 301 -16.79 -15.46 -18.14
CA LEU A 301 -15.54 -15.86 -17.43
C LEU A 301 -14.87 -16.93 -18.26
N PRO A 302 -14.12 -16.52 -19.31
CA PRO A 302 -13.52 -17.48 -20.23
C PRO A 302 -12.54 -18.43 -19.53
N PRO A 303 -12.65 -19.76 -19.72
CA PRO A 303 -11.71 -20.72 -19.12
C PRO A 303 -10.23 -20.51 -19.51
N LEU A 304 -9.33 -20.54 -18.52
CA LEU A 304 -7.85 -20.62 -18.65
C LEU A 304 -7.25 -19.22 -18.85
N1 S34 B . 0.93 0.42 -2.10
N3 S34 B . 8.14 -0.77 -3.61
C4 S34 B . 2.06 1.81 -3.68
C5 S34 B . 2.87 2.33 -2.69
C6 S34 B . 3.93 3.35 -3.03
C7 S34 B . 6.01 2.06 -3.21
C8 S34 B . 7.06 1.52 -4.18
C1 S34 B . 2.69 1.87 -1.40
C2 S34 B . 1.71 0.92 -1.15
C3 S34 B . 1.10 0.85 -3.35
C9 S34 B . 7.59 0.21 -3.83
N2 S34 B . 5.03 2.77 -3.79
O1 S34 B . 6.07 1.88 -2.00
N1 S34 C . 14.51 6.60 0.58
N3 S34 C . 8.59 5.28 5.28
C4 S34 C . 13.46 4.46 0.46
C5 S34 C . 12.23 5.04 0.21
C6 S34 C . 11.05 4.15 -0.06
C7 S34 C . 9.72 4.94 1.92
C8 S34 C . 8.82 4.25 2.92
C1 S34 C . 12.19 6.41 0.09
C2 S34 C . 13.34 7.16 0.29
C3 S34 C . 14.57 5.27 0.65
C9 S34 C . 8.72 4.84 4.24
N2 S34 C . 9.85 4.27 0.78
O1 S34 C . 10.28 6.02 2.15
S DMS D . 14.21 9.25 -15.56
O DMS D . 13.58 9.95 -16.73
C1 DMS D . 13.79 7.55 -15.79
C2 DMS D . 15.94 9.17 -15.91
S DMS E . -14.80 11.79 -2.45
O DMS E . -15.65 12.69 -3.33
C1 DMS E . -13.31 11.53 -3.37
C2 DMS E . -14.15 12.81 -1.15
S DMS F . 13.28 -15.70 24.67
O DMS F . 11.90 -16.31 24.79
C1 DMS F . 13.06 -14.00 24.98
C2 DMS F . 14.12 -16.07 26.18
S DMS G . 5.07 -1.80 0.04
O DMS G . 5.07 -0.54 0.86
C1 DMS G . 3.46 -1.93 -0.66
C2 DMS G . 5.92 -1.41 -1.48
#